data_6OHD
#
_entry.id   6OHD
#
_cell.length_a   64.087
_cell.length_b   73.752
_cell.length_c   77.259
_cell.angle_alpha   90.000
_cell.angle_beta   90.000
_cell.angle_gamma   90.000
#
_symmetry.space_group_name_H-M   'P 21 21 21'
#
loop_
_entity.id
_entity.type
_entity.pdbx_description
1 polymer 'Mitogen-activated protein kinase 14'
2 non-polymer 3-(3-tert-butyl-2-oxo-2,3-dihydro-1H-imidazo[4,5-b]pyridin-6-yl)-4-methyl-N-(1,2-oxazol-3-yl)benzamide
3 water water
#
_entity_poly.entity_id   1
_entity_poly.type   'polypeptide(L)'
_entity_poly.pdbx_seq_one_letter_code
;MSYYHHHHHHDYDIPTTENLYFQGAMGSMSQERPTFYRQELNKTIWEVPERYQNLSPVGSGAYGSVCAAFDTKTGLRVAV
KKLSRPFQSIIHAKRTYRELRLLKHMKHENVIGLLDVFTPARSLEEFNDVYLVTHLMGADLNNIVKSQKLTDDHVQFLIY
QILRGLKYIHSADIIHRDLKPSNLAVNEDSELKILDFGLARHTDDEMTGYVATRWYRAPEIMLNWMHYNQTVDIWSVGCI
MAELLTGRTLFPGTDHIDQLKLILRLVGTPGAELLKKISSESARNYIQSLTQMPKMNFANVFIGANPLAVDLLEKMLVLD
SDKRITAAQALAHAYFAQYHDPDDEPVADPYDQSFESRDLLIDEWKSLTYDEVISFVPPPLDQEEMES
;
_entity_poly.pdbx_strand_id   A
#
loop_
_chem_comp.id
_chem_comp.type
_chem_comp.name
_chem_comp.formula
MKP non-polymer 3-(3-tert-butyl-2-oxo-2,3-dihydro-1H-imidazo[4,5-b]pyridin-6-yl)-4-methyl-N-(1,2-oxazol-3-yl)benzamide 'C21 H21 N5 O3'
#
# COMPACT_ATOMS: atom_id res chain seq x y z
N GLU A 32 -19.61 -23.30 -15.43
CA GLU A 32 -20.59 -22.29 -15.80
C GLU A 32 -20.95 -21.41 -14.61
N ARG A 33 -22.21 -21.49 -14.18
CA ARG A 33 -22.71 -20.63 -13.11
C ARG A 33 -22.89 -21.43 -11.82
N PRO A 34 -22.42 -20.92 -10.68
CA PRO A 34 -22.54 -21.67 -9.43
C PRO A 34 -23.78 -21.28 -8.64
N THR A 35 -23.97 -21.93 -7.48
CA THR A 35 -25.10 -21.63 -6.60
C THR A 35 -24.67 -20.56 -5.61
N PHE A 36 -25.44 -19.47 -5.56
CA PHE A 36 -25.19 -18.38 -4.63
C PHE A 36 -26.14 -18.49 -3.44
N TYR A 37 -25.62 -18.25 -2.24
CA TYR A 37 -26.44 -18.15 -1.05
C TYR A 37 -26.29 -16.76 -0.45
N ARG A 38 -27.36 -16.30 0.20
CA ARG A 38 -27.41 -14.96 0.76
C ARG A 38 -27.30 -15.02 2.28
N GLN A 39 -26.65 -14.00 2.83
CA GLN A 39 -26.40 -13.93 4.27
C GLN A 39 -26.03 -12.49 4.61
N GLU A 40 -26.62 -11.95 5.67
CA GLU A 40 -26.41 -10.55 6.01
C GLU A 40 -25.34 -10.44 7.09
N LEU A 41 -24.32 -9.64 6.81
CA LEU A 41 -23.24 -9.33 7.75
C LEU A 41 -22.89 -7.86 7.58
N ASN A 42 -22.50 -7.22 8.69
CA ASN A 42 -22.18 -5.80 8.71
C ASN A 42 -23.34 -4.96 8.18
N LYS A 43 -24.57 -5.38 8.53
CA LYS A 43 -25.81 -4.70 8.13
C LYS A 43 -26.01 -4.66 6.61
N THR A 44 -25.26 -5.47 5.87
CA THR A 44 -25.45 -5.58 4.43
C THR A 44 -25.59 -7.04 4.04
N ILE A 45 -26.24 -7.27 2.90
CA ILE A 45 -26.53 -8.62 2.43
C ILE A 45 -25.40 -9.07 1.52
N TRP A 46 -24.73 -10.16 1.91
CA TRP A 46 -23.70 -10.79 1.10
C TRP A 46 -24.31 -11.95 0.32
N GLU A 47 -23.93 -12.05 -0.95
CA GLU A 47 -24.36 -13.17 -1.79
C GLU A 47 -23.15 -13.71 -2.53
N VAL A 48 -22.69 -14.89 -2.12
CA VAL A 48 -21.44 -15.47 -2.61
C VAL A 48 -21.72 -16.91 -3.05
N PRO A 49 -20.85 -17.49 -3.87
CA PRO A 49 -21.03 -18.89 -4.23
C PRO A 49 -20.85 -19.81 -3.02
N GLU A 50 -21.44 -21.00 -3.12
CA GLU A 50 -21.41 -21.95 -2.02
C GLU A 50 -20.01 -22.47 -1.69
N ARG A 51 -19.04 -22.27 -2.59
CA ARG A 51 -17.68 -22.72 -2.31
C ARG A 51 -17.02 -21.92 -1.20
N TYR A 52 -17.50 -20.71 -0.93
CA TYR A 52 -16.96 -19.86 0.13
C TYR A 52 -17.86 -19.98 1.35
N GLN A 53 -17.34 -20.60 2.41
CA GLN A 53 -18.10 -20.90 3.60
C GLN A 53 -17.50 -20.19 4.81
N ASN A 54 -18.30 -20.13 5.89
CA ASN A 54 -17.87 -19.58 7.17
C ASN A 54 -17.36 -18.14 7.03
N LEU A 55 -18.22 -17.29 6.46
CA LEU A 55 -17.87 -15.88 6.32
C LEU A 55 -17.92 -15.19 7.68
N SER A 56 -16.87 -14.41 7.98
CA SER A 56 -16.80 -13.66 9.23
C SER A 56 -16.14 -12.31 8.92
N PRO A 57 -16.72 -11.21 9.39
CA PRO A 57 -16.17 -9.89 9.03
C PRO A 57 -14.85 -9.61 9.73
N VAL A 58 -14.06 -8.76 9.11
CA VAL A 58 -12.77 -8.35 9.67
C VAL A 58 -12.69 -6.82 9.74
N SER A 65 -15.74 -3.21 2.92
CA SER A 65 -16.24 -4.30 3.74
C SER A 65 -15.56 -5.62 3.34
N VAL A 66 -14.84 -6.22 4.28
CA VAL A 66 -14.03 -7.40 4.02
C VAL A 66 -14.43 -8.51 4.99
N CYS A 67 -14.53 -9.73 4.47
CA CYS A 67 -14.87 -10.90 5.26
C CYS A 67 -13.78 -11.95 5.12
N ALA A 68 -13.58 -12.72 6.18
CA ALA A 68 -12.74 -13.90 6.13
C ALA A 68 -13.61 -15.12 5.82
N ALA A 69 -13.13 -15.96 4.91
CA ALA A 69 -13.94 -17.09 4.46
C ALA A 69 -13.02 -18.25 4.09
N PHE A 70 -13.63 -19.44 4.06
CA PHE A 70 -12.93 -20.68 3.69
C PHE A 70 -13.38 -21.11 2.30
N ASP A 71 -12.42 -21.31 1.41
CA ASP A 71 -12.69 -21.79 0.06
C ASP A 71 -12.66 -23.31 0.06
N THR A 72 -13.83 -23.92 -0.07
CA THR A 72 -13.93 -25.38 -0.04
C THR A 72 -13.33 -26.04 -1.28
N LYS A 73 -13.03 -25.26 -2.33
CA LYS A 73 -12.43 -25.84 -3.52
C LYS A 73 -10.93 -26.04 -3.35
N THR A 74 -10.23 -25.01 -2.85
CA THR A 74 -8.79 -25.06 -2.69
C THR A 74 -8.33 -25.41 -1.28
N GLY A 75 -9.23 -25.35 -0.29
CA GLY A 75 -8.83 -25.51 1.08
C GLY A 75 -8.16 -24.30 1.68
N LEU A 76 -8.13 -23.18 0.96
CA LEU A 76 -7.48 -21.97 1.42
C LEU A 76 -8.42 -21.14 2.28
N ARG A 77 -7.85 -20.44 3.26
CA ARG A 77 -8.53 -19.34 3.92
C ARG A 77 -8.32 -18.09 3.07
N VAL A 78 -9.43 -17.45 2.68
CA VAL A 78 -9.37 -16.34 1.74
C VAL A 78 -9.98 -15.10 2.39
N ALA A 79 -9.66 -13.95 1.80
CA ALA A 79 -10.26 -12.68 2.17
C ALA A 79 -11.21 -12.26 1.06
N VAL A 80 -12.46 -11.96 1.42
CA VAL A 80 -13.50 -11.59 0.47
C VAL A 80 -13.89 -10.15 0.73
N LYS A 81 -13.86 -9.33 -0.31
CA LYS A 81 -14.21 -7.91 -0.22
C LYS A 81 -15.41 -7.63 -1.11
N LYS A 82 -16.47 -7.10 -0.52
CA LYS A 82 -17.64 -6.66 -1.27
C LYS A 82 -17.56 -5.15 -1.46
N LEU A 83 -17.49 -4.73 -2.72
CA LEU A 83 -17.38 -3.31 -3.01
C LEU A 83 -18.67 -2.59 -2.64
N SER A 84 -18.54 -1.47 -1.94
CA SER A 84 -19.69 -0.72 -1.44
C SER A 84 -20.13 0.30 -2.48
N ARG A 85 -21.36 0.15 -2.97
CA ARG A 85 -21.95 1.05 -3.95
C ARG A 85 -21.03 1.27 -5.15
N PRO A 86 -20.72 0.21 -5.90
CA PRO A 86 -19.66 0.32 -6.92
C PRO A 86 -19.95 1.31 -8.03
N PHE A 87 -21.22 1.56 -8.35
CA PHE A 87 -21.57 2.45 -9.45
C PHE A 87 -22.51 3.57 -9.00
N GLN A 88 -22.36 4.01 -7.75
CA GLN A 88 -23.20 5.10 -7.24
C GLN A 88 -22.85 6.43 -7.90
N SER A 89 -21.59 6.60 -8.31
CA SER A 89 -21.16 7.85 -8.94
C SER A 89 -20.07 7.54 -9.95
N ILE A 90 -19.65 8.57 -10.69
CA ILE A 90 -18.58 8.41 -11.65
C ILE A 90 -17.27 8.09 -10.94
N ILE A 91 -17.00 8.76 -9.81
CA ILE A 91 -15.80 8.46 -9.03
C ILE A 91 -15.86 7.01 -8.53
N HIS A 92 -17.01 6.58 -8.03
CA HIS A 92 -17.15 5.21 -7.55
C HIS A 92 -16.97 4.21 -8.69
N ALA A 93 -17.53 4.51 -9.87
CA ALA A 93 -17.41 3.60 -11.00
C ALA A 93 -15.98 3.52 -11.50
N LYS A 94 -15.27 4.65 -11.53
CA LYS A 94 -13.87 4.64 -11.94
C LYS A 94 -13.01 3.88 -10.92
N ARG A 95 -13.23 4.13 -9.63
CA ARG A 95 -12.44 3.44 -8.61
C ARG A 95 -12.74 1.95 -8.60
N THR A 96 -14.00 1.57 -8.86
CA THR A 96 -14.33 0.15 -8.99
C THR A 96 -13.54 -0.48 -10.12
N TYR A 97 -13.47 0.20 -11.27
CA TYR A 97 -12.69 -0.32 -12.39
C TYR A 97 -11.20 -0.31 -12.06
N ARG A 98 -10.72 0.73 -11.39
CA ARG A 98 -9.29 0.84 -11.09
C ARG A 98 -8.84 -0.29 -10.17
N GLU A 99 -9.62 -0.54 -9.11
CA GLU A 99 -9.24 -1.59 -8.17
C GLU A 99 -9.21 -2.95 -8.85
N LEU A 100 -10.16 -3.23 -9.73
CA LEU A 100 -10.19 -4.52 -10.42
C LEU A 100 -9.02 -4.67 -11.37
N ARG A 101 -8.67 -3.60 -12.10
CA ARG A 101 -7.55 -3.65 -13.03
C ARG A 101 -6.23 -3.87 -12.28
N LEU A 102 -6.10 -3.27 -11.10
CA LEU A 102 -4.85 -3.39 -10.35
C LEU A 102 -4.64 -4.80 -9.83
N LEU A 103 -5.69 -5.40 -9.26
CA LEU A 103 -5.54 -6.72 -8.67
C LEU A 103 -5.28 -7.79 -9.72
N LYS A 104 -5.93 -7.68 -10.88
CA LYS A 104 -5.71 -8.63 -11.96
C LYS A 104 -4.29 -8.58 -12.51
N HIS A 105 -3.61 -7.45 -12.35
CA HIS A 105 -2.28 -7.29 -12.94
C HIS A 105 -1.18 -7.92 -12.08
N MET A 106 -1.31 -7.80 -10.75
CA MET A 106 -0.22 -8.14 -9.85
C MET A 106 -0.15 -9.64 -9.60
N LYS A 107 1.00 -10.24 -9.89
CA LYS A 107 1.28 -11.64 -9.59
C LYS A 107 2.66 -11.68 -8.91
N HIS A 108 2.66 -11.41 -7.61
CA HIS A 108 3.90 -11.31 -6.84
C HIS A 108 3.65 -11.82 -5.44
N GLU A 109 4.70 -12.41 -4.85
CA GLU A 109 4.55 -13.03 -3.53
C GLU A 109 4.23 -12.00 -2.46
N ASN A 110 4.81 -10.81 -2.55
CA ASN A 110 4.63 -9.77 -1.56
C ASN A 110 3.62 -8.70 -1.99
N VAL A 111 2.78 -9.02 -2.99
CA VAL A 111 1.76 -8.11 -3.47
C VAL A 111 0.44 -8.86 -3.52
N ILE A 112 -0.61 -8.26 -2.95
CA ILE A 112 -1.91 -8.93 -2.95
C ILE A 112 -2.40 -9.12 -4.37
N GLY A 113 -3.02 -10.27 -4.63
CA GLY A 113 -3.45 -10.61 -5.97
C GLY A 113 -4.84 -11.20 -5.95
N LEU A 114 -5.44 -11.26 -7.14
CA LEU A 114 -6.82 -11.68 -7.30
C LEU A 114 -6.87 -13.19 -7.47
N LEU A 115 -7.43 -13.88 -6.47
CA LEU A 115 -7.68 -15.31 -6.60
C LEU A 115 -9.00 -15.58 -7.33
N ASP A 116 -10.00 -14.73 -7.11
CA ASP A 116 -11.30 -14.89 -7.74
C ASP A 116 -12.04 -13.56 -7.69
N VAL A 117 -12.96 -13.38 -8.63
CA VAL A 117 -13.85 -12.23 -8.66
C VAL A 117 -15.18 -12.69 -9.23
N PHE A 118 -16.28 -12.36 -8.56
CA PHE A 118 -17.58 -12.84 -8.95
C PHE A 118 -18.64 -11.80 -8.68
N THR A 119 -19.81 -11.99 -9.31
CA THR A 119 -20.97 -11.16 -9.09
C THR A 119 -22.20 -12.04 -9.22
N PRO A 120 -23.22 -11.83 -8.38
CA PRO A 120 -24.43 -12.65 -8.50
C PRO A 120 -25.25 -12.37 -9.74
N ALA A 121 -25.04 -11.22 -10.40
CA ALA A 121 -25.77 -10.90 -11.61
C ALA A 121 -25.24 -11.70 -12.79
N ARG A 122 -26.17 -12.18 -13.62
CA ARG A 122 -25.82 -12.94 -14.82
C ARG A 122 -26.03 -12.15 -16.10
N SER A 123 -26.14 -10.82 -15.98
CA SER A 123 -26.23 -9.94 -17.14
C SER A 123 -25.66 -8.59 -16.76
N LEU A 124 -25.37 -7.78 -17.78
CA LEU A 124 -24.75 -6.48 -17.53
C LEU A 124 -25.73 -5.51 -16.88
N GLU A 125 -27.01 -5.58 -17.25
CA GLU A 125 -27.98 -4.64 -16.72
C GLU A 125 -28.20 -4.83 -15.23
N GLU A 126 -28.25 -6.09 -14.77
CA GLU A 126 -28.43 -6.38 -13.36
C GLU A 126 -27.13 -6.30 -12.56
N PHE A 127 -26.03 -5.91 -13.19
CA PHE A 127 -24.71 -5.94 -12.57
C PHE A 127 -24.55 -4.73 -11.65
N ASN A 128 -24.58 -4.96 -10.34
CA ASN A 128 -24.35 -3.88 -9.39
C ASN A 128 -23.59 -4.32 -8.15
N ASP A 129 -23.02 -5.52 -8.14
CA ASP A 129 -22.23 -6.02 -7.01
C ASP A 129 -20.93 -6.59 -7.55
N VAL A 130 -19.83 -6.32 -6.83
CA VAL A 130 -18.52 -6.84 -7.19
C VAL A 130 -17.87 -7.38 -5.93
N TYR A 131 -17.43 -8.64 -5.98
CA TYR A 131 -16.75 -9.29 -4.87
C TYR A 131 -15.34 -9.66 -5.29
N LEU A 132 -14.37 -9.37 -4.42
CA LEU A 132 -12.96 -9.65 -4.68
C LEU A 132 -12.44 -10.64 -3.65
N VAL A 133 -11.79 -11.70 -4.12
CA VAL A 133 -11.25 -12.75 -3.27
C VAL A 133 -9.74 -12.77 -3.41
N THR A 134 -9.05 -12.67 -2.27
CA THR A 134 -7.58 -12.68 -2.23
C THR A 134 -7.12 -13.65 -1.14
N HIS A 135 -5.81 -13.69 -0.93
CA HIS A 135 -5.25 -14.44 0.18
C HIS A 135 -5.61 -13.78 1.50
N LEU A 136 -5.79 -14.61 2.52
CA LEU A 136 -6.04 -14.13 3.88
C LEU A 136 -4.80 -14.34 4.72
N MET A 137 -4.08 -13.25 5.01
CA MET A 137 -2.91 -13.35 5.87
C MET A 137 -3.31 -13.47 7.33
N GLY A 138 -4.34 -12.73 7.76
CA GLY A 138 -4.90 -12.85 9.09
C GLY A 138 -4.82 -11.57 9.91
N ALA A 139 -3.85 -10.71 9.63
CA ALA A 139 -3.68 -9.50 10.41
C ALA A 139 -2.91 -8.48 9.58
N ASP A 140 -2.86 -7.25 10.09
CA ASP A 140 -2.05 -6.20 9.49
C ASP A 140 -0.75 -6.03 10.29
N LEU A 141 0.12 -5.16 9.79
CA LEU A 141 1.36 -4.89 10.49
C LEU A 141 1.12 -4.14 11.80
N ASN A 142 0.05 -3.35 11.86
CA ASN A 142 -0.28 -2.66 13.10
C ASN A 142 -0.68 -3.64 14.20
N ASN A 143 -1.43 -4.68 13.85
CA ASN A 143 -1.92 -5.63 14.85
C ASN A 143 -0.78 -6.49 15.39
N ILE A 144 0.00 -7.10 14.49
CA ILE A 144 1.04 -8.03 14.92
C ILE A 144 2.19 -7.32 15.63
N VAL A 145 2.29 -6.00 15.53
CA VAL A 145 3.39 -5.30 16.17
C VAL A 145 3.00 -4.87 17.58
N LYS A 146 1.74 -4.49 17.78
CA LYS A 146 1.21 -4.14 19.10
C LYS A 146 1.96 -2.97 19.72
N SER A 147 2.58 -2.13 18.88
CA SER A 147 3.43 -1.02 19.33
C SER A 147 4.54 -1.54 20.25
N GLN A 148 5.30 -2.49 19.74
CA GLN A 148 6.41 -3.07 20.48
C GLN A 148 7.67 -3.01 19.63
N LYS A 149 8.81 -3.09 20.30
CA LYS A 149 10.09 -3.17 19.59
C LYS A 149 10.31 -4.58 19.09
N LEU A 150 10.83 -4.69 17.86
CA LEU A 150 11.12 -5.98 17.26
C LEU A 150 12.62 -6.16 17.11
N THR A 151 13.03 -7.43 17.03
CA THR A 151 14.43 -7.74 16.76
C THR A 151 14.86 -7.14 15.43
N ASP A 152 16.18 -6.98 15.27
CA ASP A 152 16.70 -6.45 14.02
C ASP A 152 16.41 -7.37 12.85
N ASP A 153 16.31 -8.68 13.10
CA ASP A 153 16.09 -9.63 12.01
C ASP A 153 14.64 -9.64 11.55
N HIS A 154 13.68 -9.57 12.48
CA HIS A 154 12.29 -9.45 12.08
C HIS A 154 12.06 -8.15 11.31
N VAL A 155 12.75 -7.08 11.71
CA VAL A 155 12.69 -5.83 10.96
C VAL A 155 13.28 -6.02 9.56
N GLN A 156 14.43 -6.70 9.49
CA GLN A 156 15.04 -7.00 8.20
C GLN A 156 14.07 -7.73 7.29
N PHE A 157 13.40 -8.75 7.83
CA PHE A 157 12.52 -9.59 7.01
C PHE A 157 11.27 -8.84 6.59
N LEU A 158 10.67 -8.08 7.51
CA LEU A 158 9.44 -7.35 7.18
C LEU A 158 9.71 -6.26 6.16
N ILE A 159 10.77 -5.47 6.38
CA ILE A 159 11.07 -4.38 5.46
C ILE A 159 11.52 -4.91 4.10
N TYR A 160 12.23 -6.05 4.09
CA TYR A 160 12.68 -6.60 2.81
C TYR A 160 11.50 -7.00 1.93
N GLN A 161 10.45 -7.55 2.53
CA GLN A 161 9.26 -7.92 1.75
C GLN A 161 8.55 -6.70 1.21
N ILE A 162 8.50 -5.61 2.00
CA ILE A 162 7.88 -4.37 1.53
C ILE A 162 8.62 -3.84 0.31
N LEU A 163 9.94 -3.73 0.41
CA LEU A 163 10.73 -3.23 -0.71
C LEU A 163 10.68 -4.19 -1.90
N ARG A 164 10.65 -5.50 -1.63
CA ARG A 164 10.56 -6.47 -2.71
C ARG A 164 9.25 -6.34 -3.48
N GLY A 165 8.14 -6.16 -2.75
CA GLY A 165 6.87 -5.92 -3.42
C GLY A 165 6.78 -4.54 -4.03
N LEU A 166 7.39 -3.54 -3.38
CA LEU A 166 7.38 -2.19 -3.93
C LEU A 166 8.12 -2.13 -5.25
N LYS A 167 9.23 -2.87 -5.38
CA LYS A 167 9.96 -2.92 -6.64
C LYS A 167 9.09 -3.47 -7.75
N TYR A 168 8.36 -4.55 -7.49
CA TYR A 168 7.45 -5.11 -8.48
C TYR A 168 6.38 -4.09 -8.86
N ILE A 169 5.78 -3.43 -7.86
CA ILE A 169 4.72 -2.47 -8.12
C ILE A 169 5.26 -1.28 -8.90
N HIS A 170 6.42 -0.76 -8.49
CA HIS A 170 7.00 0.40 -9.17
C HIS A 170 7.49 0.04 -10.57
N SER A 171 7.91 -1.21 -10.78
CA SER A 171 8.32 -1.62 -12.11
C SER A 171 7.15 -1.58 -13.09
N ALA A 172 5.93 -1.77 -12.59
CA ALA A 172 4.73 -1.60 -13.41
C ALA A 172 4.32 -0.14 -13.56
N ASP A 173 5.14 0.79 -13.07
CA ASP A 173 4.86 2.23 -13.12
C ASP A 173 3.61 2.57 -12.32
N ILE A 174 3.55 2.05 -11.09
CA ILE A 174 2.43 2.31 -10.18
C ILE A 174 3.01 2.77 -8.85
N ILE A 175 2.43 3.82 -8.28
CA ILE A 175 2.82 4.35 -6.98
C ILE A 175 1.72 3.99 -5.98
N HIS A 176 2.13 3.57 -4.78
CA HIS A 176 1.15 3.25 -3.74
C HIS A 176 0.50 4.51 -3.20
N ARG A 177 1.31 5.53 -2.89
CA ARG A 177 0.88 6.85 -2.44
C ARG A 177 0.39 6.89 -1.00
N ASP A 178 0.00 5.75 -0.44
CA ASP A 178 -0.50 5.70 0.94
C ASP A 178 -0.06 4.41 1.62
N LEU A 179 1.24 4.10 1.52
CA LEU A 179 1.77 2.95 2.24
C LEU A 179 1.76 3.21 3.74
N LYS A 180 1.16 2.30 4.49
CA LYS A 180 1.03 2.44 5.93
C LYS A 180 0.84 1.05 6.53
N PRO A 181 1.07 0.90 7.84
CA PRO A 181 0.93 -0.44 8.44
C PRO A 181 -0.42 -1.09 8.25
N SER A 182 -1.49 -0.29 8.13
CA SER A 182 -2.83 -0.85 8.07
C SER A 182 -3.19 -1.46 6.71
N ASN A 183 -2.35 -1.25 5.68
CA ASN A 183 -2.54 -1.94 4.41
C ASN A 183 -1.34 -2.83 4.08
N LEU A 184 -0.72 -3.39 5.10
CA LEU A 184 0.31 -4.43 4.96
C LEU A 184 -0.20 -5.66 5.68
N ALA A 185 -0.68 -6.64 4.92
CA ALA A 185 -1.25 -7.86 5.49
C ALA A 185 -0.13 -8.83 5.85
N VAL A 186 -0.16 -9.33 7.09
CA VAL A 186 0.90 -10.16 7.64
C VAL A 186 0.27 -11.37 8.32
N ASN A 187 0.82 -12.55 8.06
CA ASN A 187 0.35 -13.78 8.68
C ASN A 187 1.22 -14.13 9.88
N GLU A 188 0.97 -15.29 10.48
CA GLU A 188 1.72 -15.72 11.65
C GLU A 188 3.14 -16.17 11.31
N ASP A 189 3.47 -16.31 10.03
CA ASP A 189 4.83 -16.59 9.59
C ASP A 189 5.64 -15.32 9.35
N SER A 190 5.07 -14.15 9.68
CA SER A 190 5.66 -12.84 9.38
C SER A 190 5.84 -12.61 7.89
N GLU A 191 5.15 -13.38 7.06
CA GLU A 191 5.10 -13.12 5.63
C GLU A 191 4.13 -11.96 5.37
N LEU A 192 4.41 -11.21 4.30
CA LEU A 192 3.77 -9.91 4.11
C LEU A 192 3.31 -9.76 2.66
N LYS A 193 2.11 -9.18 2.50
CA LYS A 193 1.58 -8.78 1.21
C LYS A 193 1.08 -7.35 1.29
N ILE A 194 1.29 -6.58 0.23
CA ILE A 194 0.92 -5.16 0.19
C ILE A 194 -0.51 -5.04 -0.33
N LEU A 195 -1.28 -4.15 0.29
CA LEU A 195 -2.66 -3.92 -0.08
C LEU A 195 -2.85 -2.47 -0.53
N ASP A 196 -3.93 -2.25 -1.29
CA ASP A 196 -4.46 -0.91 -1.60
C ASP A 196 -3.45 -0.05 -2.35
N PHE A 197 -2.55 -0.67 -3.11
CA PHE A 197 -1.58 0.10 -3.89
C PHE A 197 -2.27 0.81 -5.05
N GLY A 198 -1.89 2.07 -5.27
CA GLY A 198 -2.40 2.84 -6.38
C GLY A 198 -3.87 3.19 -6.32
N LEU A 199 -4.52 3.02 -5.17
CA LEU A 199 -5.95 3.25 -5.05
C LEU A 199 -6.28 4.72 -4.78
N ALA A 200 -5.53 5.36 -3.87
CA ALA A 200 -5.82 6.73 -3.46
C ALA A 200 -5.20 7.73 -4.43
N ARG A 201 -5.97 8.75 -4.77
CA ARG A 201 -5.49 9.82 -5.64
C ARG A 201 -5.66 11.19 -4.97
N ALA A 212 -8.17 13.08 8.29
CA ALA A 212 -7.37 11.85 8.33
C ALA A 212 -5.92 12.17 8.70
N THR A 213 -5.30 11.26 9.46
CA THR A 213 -3.91 11.42 9.86
C THR A 213 -3.00 10.84 8.78
N ARG A 214 -1.95 11.58 8.43
CA ARG A 214 -1.04 11.16 7.37
C ARG A 214 0.38 11.02 7.92
N TRP A 215 0.56 10.12 8.88
CA TRP A 215 1.85 9.98 9.57
C TRP A 215 2.93 9.37 8.69
N TYR A 216 2.54 8.71 7.60
CA TYR A 216 3.50 8.00 6.75
C TYR A 216 3.60 8.59 5.35
N ARG A 217 2.92 9.70 5.07
CA ARG A 217 2.95 10.32 3.74
C ARG A 217 4.24 11.12 3.57
N ALA A 218 4.82 11.02 2.37
CA ALA A 218 6.03 11.75 2.06
C ALA A 218 5.79 13.26 2.19
N PRO A 219 6.82 14.03 2.57
CA PRO A 219 6.63 15.47 2.77
C PRO A 219 6.39 16.24 1.49
N GLU A 220 6.51 15.60 0.31
CA GLU A 220 6.23 16.28 -0.95
C GLU A 220 4.79 16.11 -1.41
N ILE A 221 4.09 15.10 -0.92
CA ILE A 221 2.67 14.94 -1.24
C ILE A 221 1.86 16.00 -0.52
N MET A 222 1.90 15.99 0.81
CA MET A 222 1.61 17.21 1.56
C MET A 222 2.53 18.30 1.05
N LEU A 223 2.08 19.55 1.17
CA LEU A 223 2.88 20.71 0.76
C LEU A 223 3.00 20.80 -0.76
N HIS A 227 4.94 17.46 -8.44
CA HIS A 227 6.38 17.19 -8.42
C HIS A 227 6.70 16.09 -7.44
N TYR A 228 6.45 14.83 -7.79
CA TYR A 228 6.81 13.72 -6.92
C TYR A 228 6.92 12.46 -7.78
N ASN A 229 7.70 11.52 -7.29
CA ASN A 229 7.96 10.26 -7.99
C ASN A 229 7.62 9.09 -7.08
N GLN A 230 8.10 7.90 -7.47
CA GLN A 230 7.78 6.68 -6.77
C GLN A 230 8.43 6.62 -5.38
N THR A 231 9.45 7.43 -5.13
CA THR A 231 10.11 7.39 -3.84
C THR A 231 9.26 7.96 -2.71
N VAL A 232 8.04 8.41 -2.99
CA VAL A 232 7.13 8.76 -1.91
C VAL A 232 6.81 7.53 -1.08
N ASP A 233 6.79 6.34 -1.70
CA ASP A 233 6.58 5.11 -0.97
C ASP A 233 7.80 4.74 -0.13
N ILE A 234 9.00 5.11 -0.59
CA ILE A 234 10.20 4.82 0.18
C ILE A 234 10.21 5.60 1.48
N TRP A 235 9.72 6.85 1.46
CA TRP A 235 9.59 7.61 2.69
C TRP A 235 8.65 6.92 3.67
N SER A 236 7.56 6.35 3.17
CA SER A 236 6.65 5.60 4.03
C SER A 236 7.33 4.38 4.63
N VAL A 237 8.18 3.71 3.84
CA VAL A 237 8.94 2.57 4.36
C VAL A 237 9.85 3.01 5.49
N GLY A 238 10.49 4.17 5.34
CA GLY A 238 11.33 4.68 6.42
C GLY A 238 10.56 4.94 7.69
N CYS A 239 9.36 5.54 7.55
CA CYS A 239 8.52 5.77 8.72
C CYS A 239 8.09 4.46 9.35
N ILE A 240 7.76 3.46 8.53
CA ILE A 240 7.37 2.15 9.05
C ILE A 240 8.55 1.48 9.73
N MET A 241 9.70 1.43 9.05
CA MET A 241 10.88 0.79 9.61
C MET A 241 11.31 1.44 10.91
N ALA A 242 11.20 2.76 11.00
CA ALA A 242 11.54 3.45 12.24
C ALA A 242 10.59 3.06 13.37
N GLU A 243 9.31 2.85 13.06
CA GLU A 243 8.35 2.45 14.08
C GLU A 243 8.57 1.02 14.54
N LEU A 244 9.02 0.14 13.64
CA LEU A 244 9.30 -1.24 14.03
C LEU A 244 10.51 -1.33 14.95
N LEU A 245 11.53 -0.51 14.70
CA LEU A 245 12.75 -0.57 15.49
C LEU A 245 12.57 0.04 16.87
N THR A 246 11.90 1.19 16.96
CA THR A 246 11.81 1.94 18.21
C THR A 246 10.49 1.76 18.94
N GLY A 247 9.41 1.40 18.23
CA GLY A 247 8.11 1.20 18.85
C GLY A 247 7.28 2.45 19.01
N ARG A 248 7.62 3.54 18.30
CA ARG A 248 6.89 4.80 18.31
CA ARG A 248 6.75 4.70 18.29
C ARG A 248 6.65 5.30 16.90
N THR A 249 5.53 6.00 16.70
CA THR A 249 5.31 6.70 15.44
C THR A 249 6.38 7.74 15.25
N LEU A 250 7.06 7.70 14.11
CA LEU A 250 8.16 8.62 13.86
C LEU A 250 7.69 10.06 13.88
N PHE A 251 6.66 10.37 13.09
CA PHE A 251 6.08 11.71 13.01
C PHE A 251 4.61 11.64 13.39
N PRO A 252 4.29 11.73 14.69
CA PRO A 252 2.87 11.74 15.11
C PRO A 252 2.27 13.13 15.03
N GLY A 253 2.12 13.62 13.80
CA GLY A 253 1.61 14.97 13.61
C GLY A 253 0.13 15.06 13.88
N THR A 254 -0.30 16.24 14.36
CA THR A 254 -1.70 16.52 14.62
C THR A 254 -2.37 17.26 13.48
N ASP A 255 -1.61 17.76 12.51
CA ASP A 255 -2.13 18.38 11.30
C ASP A 255 -1.00 18.43 10.28
N HIS A 256 -1.32 18.90 9.07
CA HIS A 256 -0.34 18.89 7.99
C HIS A 256 0.83 19.82 8.30
N ILE A 257 0.61 20.86 9.11
CA ILE A 257 1.71 21.74 9.48
C ILE A 257 2.48 21.16 10.67
N ASP A 258 1.77 20.60 11.64
CA ASP A 258 2.45 19.90 12.73
C ASP A 258 3.22 18.70 12.20
N GLN A 259 2.65 18.00 11.21
CA GLN A 259 3.38 16.93 10.53
C GLN A 259 4.70 17.45 9.97
N LEU A 260 4.65 18.58 9.25
CA LEU A 260 5.85 19.12 8.63
C LEU A 260 6.89 19.53 9.66
N LYS A 261 6.43 20.06 10.80
CA LYS A 261 7.37 20.47 11.84
C LYS A 261 8.13 19.29 12.40
N LEU A 262 7.45 18.17 12.64
CA LEU A 262 8.13 16.98 13.14
C LEU A 262 9.09 16.43 12.11
N ILE A 263 8.73 16.50 10.83
CA ILE A 263 9.60 16.01 9.77
C ILE A 263 10.86 16.87 9.67
N LEU A 264 10.69 18.19 9.63
CA LEU A 264 11.82 19.09 9.47
C LEU A 264 12.74 19.06 10.68
N ARG A 265 12.20 18.78 11.87
CA ARG A 265 13.04 18.74 13.06
C ARG A 265 14.04 17.58 13.00
N LEU A 266 13.66 16.47 12.38
CA LEU A 266 14.57 15.33 12.26
C LEU A 266 15.57 15.53 11.14
N VAL A 267 15.08 15.77 9.91
CA VAL A 267 15.96 15.83 8.75
C VAL A 267 16.57 17.21 8.51
N GLY A 268 16.14 18.23 9.25
CA GLY A 268 16.72 19.54 9.15
C GLY A 268 16.02 20.42 8.12
N THR A 269 16.22 21.72 8.28
CA THR A 269 15.68 22.69 7.33
C THR A 269 16.43 22.57 6.01
N PRO A 270 15.73 22.56 4.88
CA PRO A 270 16.41 22.33 3.58
C PRO A 270 17.37 23.45 3.24
N GLY A 271 18.27 23.14 2.31
CA GLY A 271 19.18 24.11 1.75
C GLY A 271 18.61 24.76 0.49
N ALA A 272 19.47 25.52 -0.19
CA ALA A 272 19.03 26.24 -1.37
C ALA A 272 18.75 25.30 -2.54
N GLU A 273 19.54 24.24 -2.68
CA GLU A 273 19.36 23.32 -3.80
C GLU A 273 18.04 22.57 -3.74
N LEU A 274 17.45 22.43 -2.55
CA LEU A 274 16.11 21.86 -2.42
C LEU A 274 15.03 22.93 -2.50
N LEU A 275 15.28 24.10 -1.92
CA LEU A 275 14.30 25.17 -1.94
C LEU A 275 14.02 25.66 -3.36
N LYS A 276 15.03 25.64 -4.23
CA LYS A 276 14.87 26.14 -5.59
C LYS A 276 14.06 25.22 -6.48
N LYS A 277 13.63 24.06 -5.99
CA LYS A 277 12.79 23.15 -6.77
C LYS A 277 11.33 23.21 -6.36
N ILE A 278 10.98 24.06 -5.40
CA ILE A 278 9.61 24.20 -4.93
C ILE A 278 9.00 25.44 -5.55
N SER A 279 7.96 25.26 -6.37
CA SER A 279 7.31 26.39 -7.02
C SER A 279 6.26 27.04 -6.12
N SER A 280 5.71 26.29 -5.18
CA SER A 280 4.63 26.80 -4.33
C SER A 280 5.18 27.83 -3.36
N GLU A 281 4.73 29.08 -3.49
CA GLU A 281 5.17 30.13 -2.57
C GLU A 281 4.68 29.85 -1.16
N SER A 282 3.53 29.19 -1.01
CA SER A 282 3.05 28.83 0.32
C SER A 282 3.90 27.72 0.93
N ALA A 283 4.25 26.71 0.13
CA ALA A 283 5.08 25.62 0.64
C ALA A 283 6.46 26.11 1.04
N ARG A 284 7.07 26.96 0.20
CA ARG A 284 8.37 27.54 0.55
C ARG A 284 8.27 28.38 1.82
N ASN A 285 7.11 28.98 2.08
CA ASN A 285 6.93 29.78 3.27
C ASN A 285 6.95 28.91 4.53
N TYR A 286 6.14 27.85 4.55
CA TYR A 286 6.04 27.01 5.74
C TYR A 286 7.39 26.41 6.12
N ILE A 287 8.18 26.01 5.12
CA ILE A 287 9.46 25.38 5.39
C ILE A 287 10.42 26.38 6.02
N GLN A 288 10.50 27.59 5.46
CA GLN A 288 11.46 28.57 5.94
C GLN A 288 10.95 29.33 7.15
N SER A 289 9.66 29.71 7.17
CA SER A 289 9.12 30.42 8.32
C SER A 289 9.19 29.57 9.58
N LEU A 290 9.09 28.25 9.44
CA LEU A 290 9.47 27.36 10.53
C LEU A 290 10.96 27.57 10.80
N THR A 291 11.26 28.01 12.03
CA THR A 291 12.59 28.50 12.36
C THR A 291 13.67 27.47 12.07
N GLN A 292 14.91 27.95 12.04
CA GLN A 292 16.04 27.10 11.70
C GLN A 292 16.13 25.91 12.63
N MET A 293 16.30 24.72 12.05
CA MET A 293 16.35 23.47 12.81
C MET A 293 17.52 22.64 12.32
N PRO A 294 18.53 22.40 13.14
CA PRO A 294 19.64 21.55 12.71
C PRO A 294 19.19 20.11 12.53
N LYS A 295 19.71 19.47 11.49
CA LYS A 295 19.35 18.08 11.23
C LYS A 295 19.84 17.19 12.36
N MET A 296 18.94 16.37 12.88
CA MET A 296 19.29 15.46 13.96
C MET A 296 20.34 14.46 13.51
N ASN A 297 21.05 13.88 14.48
CA ASN A 297 21.94 12.76 14.23
C ASN A 297 21.11 11.49 14.29
N PHE A 298 20.99 10.80 13.14
CA PHE A 298 20.20 9.57 13.11
C PHE A 298 20.82 8.50 14.00
N ALA A 299 22.13 8.56 14.23
CA ALA A 299 22.77 7.64 15.16
C ALA A 299 22.23 7.83 16.58
N ASN A 300 21.85 9.06 16.93
CA ASN A 300 21.28 9.33 18.24
C ASN A 300 19.77 9.08 18.28
N VAL A 301 19.07 9.36 17.18
CA VAL A 301 17.64 9.11 17.12
C VAL A 301 17.34 7.62 17.18
N PHE A 302 18.20 6.82 16.56
CA PHE A 302 18.03 5.37 16.51
C PHE A 302 19.21 4.65 17.17
N ILE A 303 19.68 5.19 18.29
CA ILE A 303 20.80 4.57 18.99
C ILE A 303 20.38 3.20 19.53
N GLY A 304 21.32 2.26 19.52
CA GLY A 304 21.03 0.89 19.85
C GLY A 304 20.61 0.04 18.68
N ALA A 305 20.15 0.66 17.59
CA ALA A 305 19.78 -0.08 16.40
C ALA A 305 21.01 -0.50 15.61
N ASN A 306 20.81 -1.47 14.72
CA ASN A 306 21.87 -1.91 13.83
C ASN A 306 22.41 -0.71 13.05
N PRO A 307 23.72 -0.47 13.06
CA PRO A 307 24.28 0.63 12.25
C PRO A 307 23.88 0.56 10.79
N LEU A 308 23.75 -0.64 10.23
CA LEU A 308 23.28 -0.77 8.85
C LEU A 308 21.83 -0.35 8.71
N ALA A 309 21.03 -0.50 9.77
CA ALA A 309 19.66 -0.01 9.74
C ALA A 309 19.62 1.51 9.73
N VAL A 310 20.46 2.15 10.55
CA VAL A 310 20.48 3.61 10.62
C VAL A 310 20.92 4.20 9.30
N ASP A 311 21.91 3.59 8.64
CA ASP A 311 22.38 4.11 7.36
C ASP A 311 21.30 4.02 6.30
N LEU A 312 20.50 2.94 6.32
CA LEU A 312 19.41 2.82 5.37
C LEU A 312 18.31 3.84 5.63
N LEU A 313 18.04 4.12 6.91
CA LEU A 313 17.02 5.11 7.25
C LEU A 313 17.42 6.50 6.77
N GLU A 314 18.71 6.83 6.86
CA GLU A 314 19.18 8.13 6.37
C GLU A 314 19.03 8.24 4.86
N LYS A 315 19.14 7.12 4.16
CA LYS A 315 18.96 7.12 2.70
C LYS A 315 17.49 7.11 2.30
N MET A 316 16.60 6.66 3.18
CA MET A 316 15.17 6.65 2.90
C MET A 316 14.50 7.95 3.29
N LEU A 317 14.82 8.50 4.45
CA LEU A 317 14.18 9.71 4.95
C LEU A 317 14.90 10.97 4.48
N VAL A 318 15.17 11.04 3.19
CA VAL A 318 15.76 12.22 2.57
C VAL A 318 14.66 13.16 2.14
N LEU A 319 14.82 14.44 2.45
CA LEU A 319 13.80 15.43 2.09
C LEU A 319 13.67 15.56 0.58
N ASP A 320 14.79 15.71 -0.12
CA ASP A 320 14.79 15.82 -1.57
C ASP A 320 14.43 14.46 -2.18
N SER A 321 13.25 14.37 -2.80
CA SER A 321 12.83 13.12 -3.42
C SER A 321 13.70 12.75 -4.63
N ASP A 322 14.41 13.72 -5.21
CA ASP A 322 15.35 13.40 -6.28
C ASP A 322 16.55 12.62 -5.76
N LYS A 323 16.88 12.78 -4.48
CA LYS A 323 18.03 12.11 -3.87
C LYS A 323 17.61 10.98 -2.94
N ARG A 324 16.37 10.51 -3.05
CA ARG A 324 15.87 9.45 -2.18
C ARG A 324 16.10 8.09 -2.83
N ILE A 325 16.52 7.13 -2.00
CA ILE A 325 16.83 5.80 -2.50
C ILE A 325 15.56 5.14 -3.06
N THR A 326 15.72 4.36 -4.12
CA THR A 326 14.60 3.64 -4.71
C THR A 326 14.52 2.24 -4.12
N ALA A 327 13.43 1.54 -4.46
CA ALA A 327 13.21 0.20 -3.91
C ALA A 327 14.31 -0.76 -4.34
N ALA A 328 14.68 -0.74 -5.63
CA ALA A 328 15.71 -1.64 -6.12
C ALA A 328 17.06 -1.34 -5.48
N GLN A 329 17.39 -0.06 -5.31
CA GLN A 329 18.63 0.31 -4.65
C GLN A 329 18.59 -0.06 -3.17
N ALA A 330 17.43 0.07 -2.53
CA ALA A 330 17.31 -0.33 -1.14
C ALA A 330 17.44 -1.83 -0.96
N LEU A 331 16.97 -2.62 -1.93
CA LEU A 331 17.12 -4.07 -1.85
C LEU A 331 18.58 -4.49 -1.93
N ALA A 332 19.41 -3.68 -2.59
CA ALA A 332 20.84 -3.96 -2.68
C ALA A 332 21.64 -3.40 -1.51
N HIS A 333 20.97 -2.75 -0.56
CA HIS A 333 21.67 -2.22 0.61
C HIS A 333 22.19 -3.36 1.48
N ALA A 334 23.32 -3.11 2.14
CA ALA A 334 23.96 -4.13 2.96
C ALA A 334 23.07 -4.60 4.10
N TYR A 335 22.07 -3.81 4.48
CA TYR A 335 21.19 -4.18 5.59
C TYR A 335 20.46 -5.49 5.32
N PHE A 336 20.16 -5.78 4.06
CA PHE A 336 19.43 -6.99 3.67
C PHE A 336 20.36 -8.07 3.14
N ALA A 337 21.57 -8.19 3.69
CA ALA A 337 22.53 -9.16 3.18
C ALA A 337 22.06 -10.59 3.38
N GLN A 338 21.25 -10.84 4.41
CA GLN A 338 20.79 -12.20 4.68
C GLN A 338 19.65 -12.63 3.76
N TYR A 339 18.98 -11.68 3.09
CA TYR A 339 17.82 -11.99 2.27
C TYR A 339 17.94 -11.58 0.82
N HIS A 340 18.86 -10.68 0.48
CA HIS A 340 18.91 -10.13 -0.87
C HIS A 340 19.34 -11.19 -1.88
N ASP A 341 18.56 -11.32 -2.96
CA ASP A 341 18.88 -12.17 -4.10
C ASP A 341 18.37 -11.49 -5.36
N PRO A 342 19.27 -11.02 -6.23
CA PRO A 342 18.81 -10.27 -7.41
C PRO A 342 18.00 -11.10 -8.38
N ASP A 343 18.19 -12.42 -8.40
CA ASP A 343 17.43 -13.29 -9.30
C ASP A 343 16.09 -13.71 -8.73
N ASP A 344 15.73 -13.25 -7.53
CA ASP A 344 14.44 -13.54 -6.93
C ASP A 344 13.75 -12.25 -6.48
N GLU A 345 14.00 -11.16 -7.21
CA GLU A 345 13.31 -9.89 -6.99
C GLU A 345 12.74 -9.41 -8.32
N PRO A 346 11.75 -10.12 -8.85
CA PRO A 346 11.34 -9.90 -10.24
C PRO A 346 10.57 -8.61 -10.42
N VAL A 347 10.44 -8.21 -11.68
CA VAL A 347 9.71 -7.01 -12.06
C VAL A 347 8.40 -7.43 -12.74
N ALA A 348 7.55 -6.45 -13.00
CA ALA A 348 6.21 -6.68 -13.50
C ALA A 348 6.10 -6.30 -14.98
N ASP A 349 5.09 -6.87 -15.63
CA ASP A 349 4.75 -6.47 -16.98
C ASP A 349 4.17 -5.06 -16.97
N PRO A 350 4.24 -4.35 -18.10
CA PRO A 350 3.70 -2.99 -18.15
C PRO A 350 2.20 -2.97 -17.86
N TYR A 351 1.79 -1.99 -17.07
CA TYR A 351 0.40 -1.84 -16.64
C TYR A 351 -0.25 -0.72 -17.43
N ASP A 352 -1.31 -1.04 -18.18
CA ASP A 352 -2.02 -0.05 -18.99
C ASP A 352 -2.78 0.89 -18.07
N GLN A 353 -2.25 2.11 -17.91
CA GLN A 353 -2.83 3.11 -17.01
C GLN A 353 -3.54 4.22 -17.77
N SER A 354 -3.68 4.11 -19.09
CA SER A 354 -4.23 5.19 -19.89
C SER A 354 -5.67 5.51 -19.53
N PHE A 355 -6.41 4.57 -18.93
CA PHE A 355 -7.79 4.83 -18.56
C PHE A 355 -7.91 5.92 -17.49
N GLU A 356 -6.86 6.14 -16.70
CA GLU A 356 -6.93 7.12 -15.62
C GLU A 356 -7.14 8.53 -16.14
N SER A 357 -6.70 8.81 -17.37
CA SER A 357 -6.82 10.12 -17.97
C SER A 357 -8.07 10.29 -18.81
N ARG A 358 -9.11 9.48 -18.56
CA ARG A 358 -10.34 9.52 -19.33
C ARG A 358 -11.52 9.83 -18.43
N ASP A 359 -12.42 10.69 -18.91
CA ASP A 359 -13.64 11.07 -18.21
C ASP A 359 -14.82 10.39 -18.90
N LEU A 360 -15.28 9.28 -18.34
CA LEU A 360 -16.32 8.47 -18.94
C LEU A 360 -17.59 8.53 -18.10
N LEU A 361 -18.70 8.14 -18.73
CA LEU A 361 -19.96 8.03 -18.02
C LEU A 361 -19.94 6.82 -17.09
N ILE A 362 -20.94 6.75 -16.21
CA ILE A 362 -21.00 5.65 -15.24
C ILE A 362 -21.21 4.32 -15.95
N ASP A 363 -22.13 4.28 -16.92
CA ASP A 363 -22.42 3.04 -17.63
C ASP A 363 -21.21 2.52 -18.37
N GLU A 364 -20.33 3.41 -18.84
CA GLU A 364 -19.13 2.96 -19.55
C GLU A 364 -18.13 2.34 -18.59
N TRP A 365 -17.90 2.96 -17.44
CA TRP A 365 -17.04 2.36 -16.43
C TRP A 365 -17.62 1.05 -15.92
N LYS A 366 -18.94 0.93 -15.89
CA LYS A 366 -19.59 -0.28 -15.36
C LYS A 366 -19.39 -1.46 -16.31
N SER A 367 -19.61 -1.24 -17.60
CA SER A 367 -19.44 -2.33 -18.56
C SER A 367 -17.98 -2.71 -18.73
N LEU A 368 -17.06 -1.74 -18.65
CA LEU A 368 -15.64 -2.07 -18.64
C LEU A 368 -15.29 -2.94 -17.44
N THR A 369 -15.83 -2.60 -16.26
CA THR A 369 -15.69 -3.45 -15.09
C THR A 369 -16.31 -4.82 -15.35
N TYR A 370 -17.46 -4.86 -16.03
CA TYR A 370 -18.12 -6.11 -16.32
C TYR A 370 -17.28 -6.99 -17.26
N ASP A 371 -16.65 -6.37 -18.26
CA ASP A 371 -15.77 -7.12 -19.14
C ASP A 371 -14.63 -7.77 -18.36
N GLU A 372 -14.09 -7.05 -17.37
CA GLU A 372 -12.95 -7.56 -16.61
C GLU A 372 -13.36 -8.73 -15.70
N VAL A 373 -14.60 -8.74 -15.23
CA VAL A 373 -15.06 -9.84 -14.38
C VAL A 373 -15.23 -11.11 -15.21
N ILE A 374 -15.83 -10.99 -16.39
CA ILE A 374 -16.09 -12.16 -17.23
C ILE A 374 -14.79 -12.72 -17.79
N SER A 375 -13.81 -11.86 -18.06
CA SER A 375 -12.56 -12.27 -18.68
C SER A 375 -11.52 -12.75 -17.67
N PHE A 376 -11.84 -12.75 -16.38
CA PHE A 376 -10.86 -13.13 -15.37
C PHE A 376 -10.52 -14.62 -15.47
N VAL A 377 -9.23 -14.92 -15.40
CA VAL A 377 -8.73 -16.29 -15.35
C VAL A 377 -8.02 -16.47 -14.01
N PRO A 378 -8.42 -17.45 -13.20
CA PRO A 378 -7.79 -17.60 -11.88
C PRO A 378 -6.34 -17.99 -12.02
N PRO A 379 -5.50 -17.59 -11.06
CA PRO A 379 -4.06 -17.87 -11.16
C PRO A 379 -3.76 -19.32 -10.80
N PRO A 380 -2.59 -19.83 -11.19
CA PRO A 380 -2.15 -21.18 -10.77
C PRO A 380 -1.55 -21.17 -9.37
C4 MKP B . -7.47 -6.05 -0.40
C5 MKP B . -7.07 -8.60 1.58
C6 MKP B . -8.17 -6.76 2.61
C7 MKP B . -4.87 -2.36 -4.99
C8 MKP B . -8.24 -7.03 0.17
C10 MKP B . -7.79 -5.59 -1.65
C13 MKP B . -7.04 -8.18 3.93
C15 MKP B . -5.77 -9.93 4.66
C17 MKP B . -10.16 -8.61 0.10
C20 MKP B . -6.01 -6.95 6.47
C21 MKP B . -6.61 -8.33 6.38
C1 MKP B . -8.86 -6.09 -2.36
C11 MKP B . -9.32 -7.54 -0.51
C12 MKP B . -6.68 -8.95 2.85
C14 MKP B . -6.69 -3.03 -3.94
C16 MKP B . -6.94 -4.55 -2.21
C18 MKP B . -8.06 -8.28 6.77
C19 MKP B . -5.88 -9.26 7.31
C2 MKP B . -9.63 -7.06 -1.76
C3 MKP B . -5.33 -3.37 -4.17
C9 MKP B . -7.84 -7.47 1.48
N22 MKP B . -7.78 -7.07 3.85
N23 MKP B . -7.03 -1.91 -4.57
N24 MKP B . -5.89 -10.02 3.30
N25 MKP B . -6.47 -8.81 5.03
N26 MKP B . -7.54 -3.78 -3.16
O27 MKP B . -5.16 -10.70 5.39
O28 MKP B . -5.79 -4.44 -1.80
O29 MKP B . -5.88 -1.48 -5.23
#